data_5N7E
#
_entry.id   5N7E
#
_cell.length_a   164.122
_cell.length_b   55.568
_cell.length_c   45.031
_cell.angle_alpha   90.000
_cell.angle_beta   105.460
_cell.angle_gamma   90.000
#
_symmetry.space_group_name_H-M   'C 1 2 1'
#
loop_
_entity.id
_entity.type
_entity.pdbx_description
1 polymer Mb(Bcr-DH_4)
2 polymer 'Breakpoint cluster region protein'
3 water water
#
loop_
_entity_poly.entity_id
_entity_poly.type
_entity_poly.pdbx_seq_one_letter_code
_entity_poly.pdbx_strand_id
1 'polypeptide(L)'
;SVSSVPTKLEVVAATPTSLLISWDAPAVTVDLYVITYGETGGNSPVQEFEVPGSKSTATISGLKPGVDYTITVYAGSYAY
EYYWGPSPISINYRT
;
A
2 'polypeptide(L)'
;GAMASELDLEKGLEMRKWVLSGILASEETYLSHLEALLLPMKPLKAAATTSQPVLTSQQIETIFFKVPELYEIHKEFYDG
LFPRVQQWSHQQRVGDLFQKLASQLGVYRAFVDNYGVAMEMAEKCCQANAQFAEISENLRARSNKDAKDPTTKNSLETLL
YKPVDRVTRSTLVLHDLLKHTPASHPDHPLLQDALRISQNFLSSINEEITPRRQSMTVK
;
B
#
# COMPACT_ATOMS: atom_id res chain seq x y z
N SER A 3 4.26 -30.77 17.34
CA SER A 3 2.94 -31.21 16.86
C SER A 3 3.02 -31.70 15.42
N SER A 4 2.07 -32.55 15.05
CA SER A 4 2.03 -33.12 13.70
C SER A 4 1.37 -32.21 12.68
N VAL A 5 0.57 -31.24 13.10
CA VAL A 5 -0.12 -30.33 12.17
C VAL A 5 0.17 -28.90 12.58
N PRO A 6 0.03 -27.94 11.65
CA PRO A 6 0.20 -26.53 12.00
C PRO A 6 -0.74 -26.08 13.10
N THR A 7 -0.21 -25.26 14.01
CA THR A 7 -0.97 -24.76 15.15
C THR A 7 -0.66 -23.28 15.33
N LYS A 8 -1.48 -22.62 16.15
CA LYS A 8 -1.22 -21.25 16.62
C LYS A 8 -1.08 -20.27 15.46
N LEU A 9 -2.06 -20.28 14.57
CA LEU A 9 -2.12 -19.30 13.48
C LEU A 9 -2.49 -17.94 14.03
N GLU A 10 -1.73 -16.91 13.64
CA GLU A 10 -2.01 -15.54 14.07
C GLU A 10 -1.50 -14.55 13.03
N VAL A 11 -2.10 -13.35 13.04
CA VAL A 11 -1.59 -12.20 12.31
C VAL A 11 -0.56 -11.52 13.21
N VAL A 12 0.66 -11.34 12.70
CA VAL A 12 1.73 -10.76 13.51
C VAL A 12 2.13 -9.35 13.07
N ALA A 13 1.68 -8.89 11.90
CA ALA A 13 1.92 -7.52 11.46
C ALA A 13 0.93 -7.21 10.35
N ALA A 14 0.72 -5.93 10.12
CA ALA A 14 -0.29 -5.53 9.14
C ALA A 14 0.02 -4.15 8.56
N THR A 15 -0.46 -3.92 7.34
CA THR A 15 -0.57 -2.58 6.78
C THR A 15 -2.05 -2.44 6.46
N PRO A 16 -2.54 -1.28 6.01
CA PRO A 16 -3.98 -1.17 5.73
C PRO A 16 -4.50 -2.19 4.74
N THR A 17 -3.65 -2.68 3.84
CA THR A 17 -4.09 -3.59 2.80
C THR A 17 -3.33 -4.91 2.80
N SER A 18 -2.57 -5.22 3.84
CA SER A 18 -1.84 -6.47 3.81
C SER A 18 -1.60 -6.98 5.22
N LEU A 19 -1.31 -8.27 5.31
CA LEU A 19 -1.18 -8.97 6.57
C LEU A 19 0.01 -9.90 6.49
N LEU A 20 0.69 -10.07 7.63
CA LEU A 20 1.67 -11.12 7.78
C LEU A 20 1.11 -12.17 8.74
N ILE A 21 0.83 -13.36 8.25
CA ILE A 21 0.37 -14.44 9.12
C ILE A 21 1.57 -15.29 9.50
N SER A 22 1.44 -15.95 10.64
CA SER A 22 2.51 -16.77 11.19
C SER A 22 1.85 -17.92 11.94
N TRP A 23 2.51 -19.08 11.92
CA TRP A 23 2.00 -20.25 12.64
C TRP A 23 3.18 -21.08 13.12
N ASP A 24 2.88 -22.03 14.00
CA ASP A 24 3.89 -23.00 14.46
C ASP A 24 3.98 -24.14 13.47
N ALA A 25 5.14 -24.31 12.86
CA ALA A 25 5.33 -25.37 11.88
C ALA A 25 5.20 -26.74 12.53
N PRO A 26 4.66 -27.72 11.82
CA PRO A 26 4.54 -29.07 12.36
C PRO A 26 5.86 -29.82 12.31
N ALA A 27 5.90 -30.94 13.04
CA ALA A 27 7.06 -31.82 13.12
C ALA A 27 7.16 -32.79 11.95
N VAL A 28 6.66 -32.41 10.77
CA VAL A 28 6.82 -33.21 9.55
C VAL A 28 7.44 -32.31 8.50
N THR A 29 7.94 -32.93 7.44
CA THR A 29 8.38 -32.15 6.29
C THR A 29 7.14 -31.77 5.49
N VAL A 30 6.85 -30.47 5.43
CA VAL A 30 5.70 -29.99 4.68
C VAL A 30 6.09 -29.88 3.22
N ASP A 31 5.35 -30.55 2.35
CA ASP A 31 5.61 -30.50 0.92
C ASP A 31 5.10 -29.21 0.30
N LEU A 32 4.00 -28.66 0.82
CA LEU A 32 3.38 -27.48 0.22
C LEU A 32 2.38 -26.90 1.21
N TYR A 33 2.35 -25.57 1.34
CA TYR A 33 1.25 -24.92 2.03
C TYR A 33 0.31 -24.27 1.03
N VAL A 34 -0.98 -24.30 1.33
CA VAL A 34 -1.97 -23.51 0.61
C VAL A 34 -2.61 -22.54 1.59
N ILE A 35 -2.60 -21.27 1.24
CA ILE A 35 -3.17 -20.18 2.06
C ILE A 35 -4.47 -19.78 1.40
N THR A 36 -5.55 -19.79 2.17
CA THR A 36 -6.88 -19.47 1.67
C THR A 36 -7.42 -18.25 2.40
N TYR A 37 -8.01 -17.30 1.67
CA TYR A 37 -8.52 -16.12 2.35
C TYR A 37 -9.65 -15.50 1.56
N GLY A 38 -10.56 -14.82 2.27
CA GLY A 38 -11.63 -14.12 1.62
C GLY A 38 -12.40 -13.31 2.64
N GLU A 39 -13.09 -12.28 2.14
CA GLU A 39 -13.98 -11.49 2.99
C GLU A 39 -14.97 -12.43 3.66
N THR A 40 -15.08 -12.33 4.98
CA THR A 40 -15.94 -13.26 5.69
C THR A 40 -17.38 -13.17 5.21
N GLY A 41 -17.82 -11.98 4.80
CA GLY A 41 -19.18 -11.76 4.35
C GLY A 41 -19.47 -12.02 2.89
N GLY A 42 -18.49 -12.44 2.09
CA GLY A 42 -18.78 -12.88 0.74
C GLY A 42 -18.90 -11.81 -0.31
N ASN A 43 -18.46 -10.57 -0.03
CA ASN A 43 -18.53 -9.51 -1.03
C ASN A 43 -17.57 -9.73 -2.17
N SER A 44 -16.52 -10.52 -1.98
CA SER A 44 -15.62 -10.91 -3.05
C SER A 44 -15.26 -12.37 -2.84
N PRO A 45 -14.80 -13.06 -3.87
CA PRO A 45 -14.58 -14.50 -3.76
C PRO A 45 -13.40 -14.88 -2.89
N VAL A 46 -13.45 -16.13 -2.41
CA VAL A 46 -12.33 -16.75 -1.73
C VAL A 46 -11.20 -16.99 -2.73
N GLN A 47 -9.96 -16.78 -2.29
CA GLN A 47 -8.77 -16.95 -3.12
C GLN A 47 -7.77 -17.83 -2.40
N GLU A 48 -6.84 -18.43 -3.16
CA GLU A 48 -5.80 -19.26 -2.57
C GLU A 48 -4.46 -18.95 -3.23
N PHE A 49 -3.38 -19.17 -2.48
CA PHE A 49 -2.04 -19.18 -3.07
C PHE A 49 -1.17 -20.17 -2.31
N GLU A 50 0.01 -20.44 -2.88
CA GLU A 50 0.91 -21.46 -2.38
C GLU A 50 2.11 -20.84 -1.67
N VAL A 51 2.59 -21.55 -0.65
CA VAL A 51 3.74 -21.13 0.14
C VAL A 51 4.64 -22.35 0.34
N PRO A 52 5.94 -22.21 0.21
CA PRO A 52 6.82 -23.38 0.35
C PRO A 52 6.78 -23.97 1.75
N GLY A 53 6.93 -25.29 1.82
CA GLY A 53 6.89 -25.98 3.10
C GLY A 53 8.00 -25.58 4.04
N SER A 54 9.02 -24.90 3.56
CA SER A 54 10.12 -24.48 4.43
C SER A 54 9.80 -23.20 5.18
N LYS A 55 8.65 -22.57 4.93
CA LYS A 55 8.27 -21.34 5.60
C LYS A 55 7.20 -21.61 6.64
N SER A 56 7.03 -20.66 7.57
CA SER A 56 5.93 -20.74 8.52
C SER A 56 5.29 -19.37 8.69
N THR A 57 5.38 -18.54 7.66
CA THR A 57 4.70 -17.25 7.59
C THR A 57 4.24 -17.06 6.16
N ALA A 58 3.34 -16.09 5.97
CA ALA A 58 2.91 -15.73 4.63
C ALA A 58 2.40 -14.30 4.62
N THR A 59 2.66 -13.61 3.52
CA THR A 59 2.13 -12.27 3.30
C THR A 59 0.88 -12.35 2.44
N ILE A 60 -0.21 -11.73 2.90
CA ILE A 60 -1.43 -11.60 2.11
C ILE A 60 -1.58 -10.12 1.78
N SER A 61 -1.62 -9.79 0.50
CA SER A 61 -1.69 -8.41 0.03
CA SER A 61 -1.71 -8.39 0.08
C SER A 61 -2.95 -8.18 -0.79
N GLY A 62 -3.16 -6.94 -1.18
CA GLY A 62 -4.32 -6.62 -1.99
C GLY A 62 -5.62 -6.64 -1.26
N LEU A 63 -5.61 -6.48 0.05
CA LEU A 63 -6.83 -6.61 0.84
C LEU A 63 -7.56 -5.28 0.96
N LYS A 64 -8.86 -5.36 1.30
CA LYS A 64 -9.63 -4.16 1.59
C LYS A 64 -9.41 -3.72 3.04
N PRO A 65 -9.25 -2.43 3.31
CA PRO A 65 -9.08 -1.99 4.68
C PRO A 65 -10.40 -1.97 5.45
N GLY A 66 -10.30 -2.19 6.76
CA GLY A 66 -11.48 -2.11 7.60
C GLY A 66 -12.54 -3.16 7.35
N VAL A 67 -12.13 -4.36 6.94
CA VAL A 67 -13.04 -5.43 6.52
C VAL A 67 -12.65 -6.72 7.22
N ASP A 68 -13.65 -7.55 7.56
CA ASP A 68 -13.40 -8.84 8.18
C ASP A 68 -13.01 -9.88 7.13
N TYR A 69 -11.93 -10.61 7.42
CA TYR A 69 -11.43 -11.67 6.56
C TYR A 69 -11.34 -12.97 7.33
N THR A 70 -11.53 -14.08 6.61
CA THR A 70 -11.25 -15.40 7.15
C THR A 70 -10.04 -15.97 6.43
N ILE A 71 -9.09 -16.51 7.18
CA ILE A 71 -7.81 -16.97 6.64
C ILE A 71 -7.58 -18.39 7.12
N THR A 72 -7.18 -19.27 6.20
CA THR A 72 -7.02 -20.69 6.53
C THR A 72 -5.72 -21.20 5.93
N VAL A 73 -5.01 -22.03 6.67
CA VAL A 73 -3.78 -22.65 6.22
C VAL A 73 -4.01 -24.14 6.07
N TYR A 74 -3.70 -24.66 4.89
CA TYR A 74 -3.69 -26.09 4.56
C TYR A 74 -2.25 -26.54 4.36
N ALA A 75 -1.93 -27.71 4.90
CA ALA A 75 -0.57 -28.24 4.81
C ALA A 75 -0.59 -29.59 4.11
N GLY A 76 0.23 -29.74 3.07
CA GLY A 76 0.38 -30.99 2.35
C GLY A 76 1.73 -31.60 2.70
N SER A 77 1.71 -32.89 3.03
CA SER A 77 2.93 -33.58 3.44
C SER A 77 2.80 -35.04 3.07
N TYR A 78 3.87 -35.61 2.50
CA TYR A 78 3.87 -37.05 2.28
C TYR A 78 3.86 -37.83 3.58
N ALA A 79 4.03 -37.17 4.72
CA ALA A 79 3.83 -37.80 6.02
C ALA A 79 2.38 -37.90 6.41
N TYR A 80 1.48 -37.22 5.70
CA TYR A 80 0.06 -37.25 6.01
C TYR A 80 -0.62 -38.32 5.18
N GLU A 81 -1.57 -39.02 5.81
CA GLU A 81 -2.21 -40.19 5.20
C GLU A 81 -2.82 -39.85 3.84
N TYR A 82 -3.50 -38.71 3.75
CA TYR A 82 -4.18 -38.31 2.53
C TYR A 82 -3.60 -37.01 1.97
N TYR A 83 -2.30 -36.81 2.21
CA TYR A 83 -1.49 -35.68 1.75
C TYR A 83 -1.84 -34.41 2.50
N TRP A 84 -3.08 -33.94 2.39
CA TRP A 84 -3.47 -32.76 3.16
C TRP A 84 -3.72 -33.16 4.60
N GLY A 85 -3.23 -32.33 5.53
CA GLY A 85 -3.38 -32.61 6.95
C GLY A 85 -4.83 -32.75 7.39
N PRO A 86 -5.05 -33.49 8.48
CA PRO A 86 -6.43 -33.75 8.92
C PRO A 86 -7.18 -32.54 9.48
N SER A 87 -6.49 -31.46 9.84
CA SER A 87 -7.11 -30.37 10.60
C SER A 87 -6.55 -29.02 10.17
N PRO A 88 -7.05 -28.45 9.08
CA PRO A 88 -6.62 -27.10 8.69
C PRO A 88 -6.97 -26.09 9.78
N ILE A 89 -6.22 -24.99 9.82
CA ILE A 89 -6.38 -24.03 10.90
C ILE A 89 -6.82 -22.69 10.32
N SER A 90 -7.78 -22.04 10.99
CA SER A 90 -8.40 -20.82 10.48
CA SER A 90 -8.41 -20.83 10.48
C SER A 90 -8.47 -19.77 11.57
N ILE A 91 -8.36 -18.51 11.15
CA ILE A 91 -8.62 -17.36 12.01
C ILE A 91 -9.45 -16.34 11.24
N ASN A 92 -10.09 -15.45 11.99
CA ASN A 92 -10.72 -14.27 11.45
C ASN A 92 -9.87 -13.05 11.82
N TYR A 93 -9.86 -12.06 10.95
CA TYR A 93 -9.09 -10.85 11.23
C TYR A 93 -9.74 -9.67 10.53
N ARG A 94 -9.88 -8.55 11.25
CA ARG A 94 -10.38 -7.32 10.68
C ARG A 94 -9.19 -6.42 10.32
N THR A 95 -9.06 -6.12 9.04
CA THR A 95 -7.97 -5.26 8.56
C THR A 95 -8.20 -3.82 8.99
N GLU B 6 5.63 -7.57 20.23
CA GLU B 6 6.09 -6.19 20.34
C GLU B 6 7.11 -6.05 21.46
N LEU B 7 6.98 -6.90 22.48
CA LEU B 7 7.91 -6.88 23.60
C LEU B 7 9.24 -7.54 23.29
N ASP B 8 9.28 -8.45 22.32
CA ASP B 8 10.53 -9.04 21.85
C ASP B 8 11.10 -8.14 20.76
N LEU B 9 12.16 -7.40 21.08
CA LEU B 9 12.69 -6.45 20.10
C LEU B 9 13.31 -7.14 18.90
N GLU B 10 13.71 -8.40 19.00
CA GLU B 10 14.23 -9.08 17.83
C GLU B 10 13.10 -9.40 16.84
N LYS B 11 11.98 -9.94 17.35
CA LYS B 11 10.80 -10.08 16.50
C LYS B 11 10.32 -8.72 16.00
N GLY B 12 10.35 -7.71 16.86
CA GLY B 12 9.90 -6.39 16.43
C GLY B 12 10.73 -5.85 15.27
N LEU B 13 12.03 -6.13 15.29
CA LEU B 13 12.87 -5.71 14.17
C LEU B 13 12.39 -6.35 12.87
N GLU B 14 12.07 -7.65 12.91
CA GLU B 14 11.58 -8.32 11.72
CA GLU B 14 11.57 -8.33 11.73
C GLU B 14 10.21 -7.78 11.29
N MET B 15 9.32 -7.49 12.25
CA MET B 15 8.01 -6.95 11.91
C MET B 15 8.13 -5.56 11.32
N ARG B 16 9.05 -4.76 11.87
CA ARG B 16 9.25 -3.42 11.33
C ARG B 16 9.75 -3.49 9.89
N LYS B 17 10.67 -4.43 9.60
CA LYS B 17 11.12 -4.59 8.22
C LYS B 17 9.97 -4.98 7.30
N TRP B 18 9.08 -5.86 7.79
CA TRP B 18 7.95 -6.26 6.96
C TRP B 18 7.03 -5.09 6.65
N VAL B 19 6.74 -4.27 7.66
CA VAL B 19 5.86 -3.12 7.40
C VAL B 19 6.54 -2.18 6.40
N LEU B 20 7.83 -1.93 6.59
CA LEU B 20 8.53 -1.06 5.65
C LEU B 20 8.54 -1.65 4.25
N SER B 21 8.71 -2.96 4.13
CA SER B 21 8.63 -3.61 2.82
C SER B 21 7.24 -3.41 2.22
N GLY B 22 6.19 -3.48 3.03
CA GLY B 22 4.85 -3.24 2.52
C GLY B 22 4.63 -1.80 2.11
N ILE B 23 5.24 -0.86 2.83
CA ILE B 23 5.18 0.53 2.43
C ILE B 23 5.87 0.75 1.08
N LEU B 24 7.04 0.12 0.90
CA LEU B 24 7.74 0.20 -0.39
C LEU B 24 6.85 -0.32 -1.51
N ALA B 25 6.23 -1.49 -1.32
CA ALA B 25 5.39 -2.05 -2.36
C ALA B 25 4.21 -1.12 -2.66
N SER B 26 3.63 -0.54 -1.62
CA SER B 26 2.51 0.38 -1.80
C SER B 26 2.95 1.66 -2.51
N GLU B 27 4.15 2.13 -2.23
CA GLU B 27 4.65 3.31 -2.93
C GLU B 27 4.91 3.01 -4.40
N GLU B 28 5.45 1.82 -4.69
CA GLU B 28 5.63 1.39 -6.08
CA GLU B 28 5.64 1.41 -6.08
C GLU B 28 4.32 1.46 -6.84
N THR B 29 3.27 0.87 -6.26
CA THR B 29 1.95 0.92 -6.90
C THR B 29 1.49 2.36 -7.07
N TYR B 30 1.67 3.19 -6.05
CA TYR B 30 1.21 4.57 -6.12
C TYR B 30 1.97 5.36 -7.16
N LEU B 31 3.29 5.17 -7.22
CA LEU B 31 4.09 5.86 -8.22
C LEU B 31 3.68 5.46 -9.64
N SER B 32 3.28 4.19 -9.83
N SER B 32 3.28 4.19 -9.83
CA SER B 32 2.82 3.78 -11.15
CA SER B 32 2.82 3.76 -11.15
C SER B 32 1.53 4.49 -11.54
C SER B 32 1.52 4.47 -11.53
N HIS B 33 0.62 4.66 -10.57
CA HIS B 33 -0.62 5.39 -10.85
C HIS B 33 -0.33 6.86 -11.13
N LEU B 34 0.60 7.46 -10.40
CA LEU B 34 0.97 8.84 -10.70
C LEU B 34 1.57 8.95 -12.09
N GLU B 35 2.45 8.00 -12.46
CA GLU B 35 3.02 8.04 -13.80
CA GLU B 35 3.03 8.03 -13.79
C GLU B 35 1.95 7.91 -14.85
N ALA B 36 0.95 7.06 -14.61
CA ALA B 36 -0.15 6.89 -15.55
C ALA B 36 -0.86 8.22 -15.80
N LEU B 37 -1.09 9.00 -14.75
CA LEU B 37 -1.66 10.34 -14.92
C LEU B 37 -0.70 11.26 -15.67
N LEU B 38 0.60 11.17 -15.40
CA LEU B 38 1.56 12.12 -15.95
C LEU B 38 1.77 11.94 -17.45
N LEU B 39 1.67 10.71 -17.94
CA LEU B 39 2.08 10.43 -19.31
C LEU B 39 1.28 11.19 -20.36
N PRO B 40 -0.04 11.34 -20.25
CA PRO B 40 -0.78 12.13 -21.26
C PRO B 40 -0.53 13.62 -21.18
N MET B 41 0.09 14.13 -20.11
CA MET B 41 0.34 15.57 -20.05
C MET B 41 1.28 16.03 -21.16
N LYS B 42 2.22 15.18 -21.58
CA LYS B 42 3.18 15.60 -22.60
C LYS B 42 2.50 15.88 -23.93
N PRO B 43 1.75 14.95 -24.53
CA PRO B 43 1.08 15.30 -25.80
C PRO B 43 0.01 16.35 -25.63
N LEU B 44 -0.70 16.34 -24.49
CA LEU B 44 -1.70 17.38 -24.26
C LEU B 44 -1.08 18.76 -24.25
N LYS B 45 0.03 18.93 -23.53
CA LYS B 45 0.71 20.23 -23.53
C LYS B 45 1.30 20.57 -24.90
N ALA B 46 1.69 19.55 -25.66
CA ALA B 46 2.17 19.80 -27.02
C ALA B 46 1.06 20.33 -27.91
N ALA B 47 -0.11 19.67 -27.87
CA ALA B 47 -1.21 20.06 -28.74
C ALA B 47 -1.85 21.37 -28.28
N ALA B 48 -1.75 21.70 -26.99
CA ALA B 48 -2.42 22.89 -26.47
C ALA B 48 -1.91 24.16 -27.14
N THR B 49 -0.62 24.20 -27.45
CA THR B 49 -0.02 25.39 -28.04
C THR B 49 -0.09 25.40 -29.56
N THR B 50 -0.80 24.46 -30.18
CA THR B 50 -1.02 24.45 -31.61
C THR B 50 -2.45 24.86 -31.91
N SER B 51 -2.76 24.95 -33.20
CA SER B 51 -4.10 25.30 -33.64
C SER B 51 -5.08 24.13 -33.55
N GLN B 52 -4.64 22.96 -33.09
CA GLN B 52 -5.52 21.82 -32.89
C GLN B 52 -5.37 21.28 -31.48
N PRO B 53 -5.70 22.08 -30.47
CA PRO B 53 -5.55 21.60 -29.09
C PRO B 53 -6.64 20.60 -28.74
N VAL B 54 -6.28 19.64 -27.88
CA VAL B 54 -7.26 18.70 -27.36
C VAL B 54 -7.90 19.35 -26.14
N LEU B 55 -7.07 19.69 -25.15
CA LEU B 55 -7.49 20.51 -24.02
C LEU B 55 -6.69 21.81 -24.03
N THR B 56 -7.30 22.86 -23.49
CA THR B 56 -6.57 24.11 -23.33
C THR B 56 -5.56 23.96 -22.19
N SER B 57 -4.56 24.85 -22.18
CA SER B 57 -3.56 24.81 -21.11
C SER B 57 -4.24 24.98 -19.75
N GLN B 58 -5.27 25.82 -19.67
CA GLN B 58 -5.97 26.01 -18.42
C GLN B 58 -6.64 24.74 -17.94
N GLN B 59 -7.26 24.00 -18.86
CA GLN B 59 -7.89 22.74 -18.47
C GLN B 59 -6.86 21.71 -18.04
N ILE B 60 -5.71 21.67 -18.73
CA ILE B 60 -4.63 20.78 -18.34
C ILE B 60 -4.16 21.11 -16.93
N GLU B 61 -3.88 22.39 -16.67
CA GLU B 61 -3.40 22.79 -15.35
C GLU B 61 -4.42 22.48 -14.26
N THR B 62 -5.71 22.57 -14.58
CA THR B 62 -6.73 22.29 -13.58
C THR B 62 -6.83 20.80 -13.28
N ILE B 63 -6.84 19.97 -14.30
CA ILE B 63 -7.03 18.54 -14.11
C ILE B 63 -5.83 17.91 -13.44
N PHE B 64 -4.62 18.30 -13.87
CA PHE B 64 -3.37 17.66 -13.49
C PHE B 64 -2.62 18.44 -12.41
N PHE B 65 -3.30 19.35 -11.74
CA PHE B 65 -2.70 20.17 -10.69
C PHE B 65 -2.00 19.30 -9.66
N LYS B 66 -0.73 19.62 -9.39
CA LYS B 66 0.13 19.04 -8.37
C LYS B 66 0.50 17.57 -8.62
N VAL B 67 0.06 16.96 -9.70
CA VAL B 67 0.45 15.56 -9.96
C VAL B 67 1.96 15.43 -10.12
N PRO B 68 2.65 16.28 -10.89
CA PRO B 68 4.12 16.17 -10.93
C PRO B 68 4.77 16.33 -9.55
N GLU B 69 4.24 17.25 -8.75
CA GLU B 69 4.81 17.50 -7.43
C GLU B 69 4.60 16.31 -6.51
N LEU B 70 3.43 15.69 -6.56
CA LEU B 70 3.21 14.46 -5.79
C LEU B 70 4.19 13.39 -6.20
N TYR B 71 4.40 13.23 -7.51
CA TYR B 71 5.33 12.22 -7.99
C TYR B 71 6.74 12.47 -7.44
N GLU B 72 7.17 13.74 -7.43
CA GLU B 72 8.52 14.05 -6.97
C GLU B 72 8.69 13.71 -5.49
N ILE B 73 7.73 14.10 -4.63
CA ILE B 73 7.96 13.85 -3.21
C ILE B 73 7.87 12.36 -2.91
N HIS B 74 7.02 11.62 -3.63
CA HIS B 74 6.98 10.19 -3.32
C HIS B 74 8.15 9.45 -3.95
N LYS B 75 8.65 9.92 -5.10
CA LYS B 75 9.87 9.34 -5.64
C LYS B 75 11.04 9.55 -4.68
N GLU B 76 11.15 10.75 -4.09
CA GLU B 76 12.18 11.02 -3.09
C GLU B 76 12.06 10.08 -1.90
N PHE B 77 10.82 9.90 -1.40
CA PHE B 77 10.62 9.03 -0.25
C PHE B 77 10.97 7.58 -0.59
N TYR B 78 10.49 7.10 -1.74
CA TYR B 78 10.72 5.71 -2.12
C TYR B 78 12.20 5.45 -2.33
N ASP B 79 12.86 6.34 -3.09
CA ASP B 79 14.29 6.19 -3.35
C ASP B 79 15.13 6.29 -2.07
N GLY B 80 14.67 7.05 -1.08
CA GLY B 80 15.43 7.13 0.16
C GLY B 80 15.24 5.91 1.05
N LEU B 81 14.01 5.39 1.07
CA LEU B 81 13.69 4.28 1.95
C LEU B 81 14.24 2.95 1.42
N PHE B 82 14.17 2.73 0.11
CA PHE B 82 14.55 1.43 -0.45
C PHE B 82 15.92 0.94 0.01
N PRO B 83 17.01 1.70 -0.12
CA PRO B 83 18.31 1.16 0.33
C PRO B 83 18.39 0.90 1.81
N ARG B 84 17.59 1.59 2.63
CA ARG B 84 17.70 1.32 4.06
C ARG B 84 17.09 -0.02 4.42
N VAL B 85 16.01 -0.40 3.73
CA VAL B 85 15.39 -1.70 3.94
C VAL B 85 16.31 -2.81 3.43
N GLN B 86 17.09 -2.53 2.39
CA GLN B 86 18.00 -3.56 1.93
CA GLN B 86 18.06 -3.50 1.88
C GLN B 86 19.19 -3.76 2.86
N GLN B 87 19.41 -2.86 3.83
CA GLN B 87 20.52 -2.96 4.78
C GLN B 87 19.95 -2.86 6.20
N TRP B 88 19.19 -3.88 6.59
CA TRP B 88 18.33 -3.79 7.76
C TRP B 88 19.03 -4.33 8.99
N SER B 89 18.89 -3.60 10.10
CA SER B 89 19.49 -3.96 11.37
C SER B 89 18.86 -3.04 12.40
N HIS B 90 19.12 -3.34 13.69
CA HIS B 90 18.70 -2.44 14.75
C HIS B 90 19.28 -1.03 14.55
N GLN B 91 20.48 -0.95 13.96
CA GLN B 91 21.10 0.36 13.76
C GLN B 91 20.39 1.23 12.74
N GLN B 92 19.63 0.63 11.82
CA GLN B 92 19.07 1.37 10.71
C GLN B 92 18.02 2.35 11.21
N ARG B 93 17.97 3.52 10.58
CA ARG B 93 17.03 4.56 10.98
C ARG B 93 16.33 5.08 9.74
N VAL B 94 15.00 5.13 9.81
CA VAL B 94 14.18 5.59 8.70
C VAL B 94 13.34 6.82 9.06
N GLY B 95 13.41 7.28 10.30
CA GLY B 95 12.45 8.28 10.74
C GLY B 95 12.53 9.58 9.98
N ASP B 96 13.74 10.01 9.60
CA ASP B 96 13.86 11.30 8.91
C ASP B 96 13.11 11.28 7.58
N LEU B 97 13.04 10.12 6.92
CA LEU B 97 12.30 10.05 5.65
C LEU B 97 10.81 10.33 5.85
N PHE B 98 10.24 9.80 6.92
CA PHE B 98 8.82 10.02 7.19
C PHE B 98 8.57 11.46 7.63
N GLN B 99 9.48 12.02 8.43
CA GLN B 99 9.36 13.44 8.77
C GLN B 99 9.41 14.30 7.52
N LYS B 100 10.30 13.95 6.58
CA LYS B 100 10.41 14.75 5.37
C LYS B 100 9.13 14.69 4.56
N LEU B 101 8.53 13.50 4.43
CA LEU B 101 7.27 13.40 3.69
C LEU B 101 6.17 14.21 4.37
N ALA B 102 6.10 14.14 5.70
CA ALA B 102 5.08 14.90 6.42
C ALA B 102 5.30 16.40 6.25
N SER B 103 6.56 16.84 6.19
CA SER B 103 6.85 18.25 5.96
C SER B 103 6.35 18.72 4.60
N GLN B 104 6.05 17.80 3.69
CA GLN B 104 5.63 18.13 2.34
C GLN B 104 4.12 18.03 2.16
N LEU B 105 3.37 17.85 3.25
CA LEU B 105 1.92 17.69 3.17
C LEU B 105 1.22 18.89 2.54
N GLY B 106 1.93 20.01 2.40
CA GLY B 106 1.35 21.17 1.72
C GLY B 106 1.00 20.87 0.28
N VAL B 107 1.76 19.99 -0.37
CA VAL B 107 1.40 19.55 -1.71
C VAL B 107 0.03 18.88 -1.70
N TYR B 108 -0.23 18.04 -0.69
CA TYR B 108 -1.50 17.35 -0.59
C TYR B 108 -2.63 18.31 -0.29
N ARG B 109 -2.37 19.30 0.56
CA ARG B 109 -3.42 20.28 0.86
C ARG B 109 -3.86 20.98 -0.43
N ALA B 110 -2.90 21.42 -1.24
CA ALA B 110 -3.24 22.03 -2.53
C ALA B 110 -4.00 21.05 -3.41
N PHE B 111 -3.53 19.80 -3.49
CA PHE B 111 -4.20 18.85 -4.36
C PHE B 111 -5.62 18.58 -3.91
N VAL B 112 -5.81 18.33 -2.61
CA VAL B 112 -7.13 18.01 -2.10
C VAL B 112 -8.07 19.21 -2.26
N ASP B 113 -7.56 20.42 -2.01
CA ASP B 113 -8.39 21.61 -2.15
C ASP B 113 -8.92 21.75 -3.57
N ASN B 114 -8.15 21.30 -4.56
CA ASN B 114 -8.49 21.44 -5.96
C ASN B 114 -9.19 20.21 -6.52
N TYR B 115 -9.25 19.10 -5.77
CA TYR B 115 -9.69 17.82 -6.33
C TYR B 115 -11.10 17.91 -6.93
N GLY B 116 -12.03 18.54 -6.23
CA GLY B 116 -13.40 18.62 -6.73
C GLY B 116 -13.49 19.32 -8.08
N VAL B 117 -12.76 20.42 -8.22
CA VAL B 117 -12.71 21.15 -9.49
C VAL B 117 -12.07 20.29 -10.57
N ALA B 118 -10.93 19.67 -10.24
CA ALA B 118 -10.25 18.81 -11.21
C ALA B 118 -11.13 17.64 -11.62
N MET B 119 -11.84 17.06 -10.67
CA MET B 119 -12.71 15.92 -10.97
C MET B 119 -13.83 16.33 -11.91
N GLU B 120 -14.50 17.45 -11.61
CA GLU B 120 -15.57 17.94 -12.47
C GLU B 120 -15.03 18.26 -13.87
N MET B 121 -13.95 19.04 -13.93
CA MET B 121 -13.35 19.42 -15.21
C MET B 121 -13.03 18.19 -16.05
N ALA B 122 -12.48 17.15 -15.44
CA ALA B 122 -12.12 15.95 -16.19
C ALA B 122 -13.34 15.14 -16.59
N GLU B 123 -14.38 15.13 -15.74
CA GLU B 123 -15.61 14.39 -16.08
C GLU B 123 -16.33 15.05 -17.26
N LYS B 124 -16.36 16.37 -17.29
CA LYS B 124 -16.95 17.08 -18.44
C LYS B 124 -16.32 16.59 -19.74
N CYS B 125 -14.99 16.65 -19.81
CA CYS B 125 -14.32 16.37 -21.08
C CYS B 125 -14.47 14.91 -21.49
N CYS B 126 -14.41 13.99 -20.52
CA CYS B 126 -14.61 12.58 -20.86
C CYS B 126 -16.02 12.31 -21.40
N GLN B 127 -17.01 13.06 -20.94
CA GLN B 127 -18.38 12.87 -21.42
C GLN B 127 -18.62 13.55 -22.76
N ALA B 128 -17.77 14.48 -23.16
CA ALA B 128 -18.04 15.24 -24.38
C ALA B 128 -16.87 15.29 -25.35
N ASN B 129 -15.64 15.45 -24.85
CA ASN B 129 -14.49 15.60 -25.73
C ASN B 129 -14.06 14.24 -26.28
N ALA B 130 -13.79 14.20 -27.59
CA ALA B 130 -13.57 12.92 -28.25
C ALA B 130 -12.20 12.36 -27.94
N GLN B 131 -11.15 13.15 -28.14
CA GLN B 131 -9.80 12.64 -27.96
C GLN B 131 -9.45 12.45 -26.50
N PHE B 132 -9.96 13.31 -25.62
CA PHE B 132 -9.62 13.20 -24.20
C PHE B 132 -10.36 12.05 -23.54
N ALA B 133 -11.62 11.81 -23.92
CA ALA B 133 -12.31 10.62 -23.44
C ALA B 133 -11.55 9.35 -23.79
N GLU B 134 -10.91 9.33 -24.96
CA GLU B 134 -10.10 8.18 -25.34
CA GLU B 134 -10.10 8.18 -25.35
C GLU B 134 -8.85 8.09 -24.48
N ILE B 135 -8.23 9.23 -24.17
CA ILE B 135 -7.06 9.25 -23.31
C ILE B 135 -7.41 8.67 -21.94
N SER B 136 -8.52 9.15 -21.35
CA SER B 136 -8.92 8.69 -20.03
C SER B 136 -9.36 7.23 -20.01
N GLU B 137 -9.50 6.61 -21.19
CA GLU B 137 -9.90 5.22 -21.26
C GLU B 137 -8.73 4.27 -21.07
N ASN B 138 -7.53 4.66 -21.52
CA ASN B 138 -6.34 3.80 -21.45
C ASN B 138 -5.23 4.53 -20.71
N LEU B 139 -5.42 4.78 -19.42
CA LEU B 139 -4.35 5.36 -18.59
C LEU B 139 -3.63 4.23 -17.87
N ARG B 140 -2.46 3.86 -18.40
CA ARG B 140 -1.57 2.79 -17.93
C ARG B 140 -2.13 1.89 -16.82
N SER B 155 -9.46 4.32 -14.76
CA SER B 155 -9.68 5.48 -15.63
C SER B 155 -8.92 6.68 -15.10
N LEU B 156 -9.10 7.84 -15.73
CA LEU B 156 -8.45 9.04 -15.24
C LEU B 156 -9.06 9.49 -13.92
N GLU B 157 -10.39 9.43 -13.80
CA GLU B 157 -11.02 9.85 -12.56
CA GLU B 157 -11.04 9.84 -12.56
C GLU B 157 -10.68 8.89 -11.43
N THR B 158 -10.55 7.59 -11.73
CA THR B 158 -10.12 6.64 -10.70
C THR B 158 -8.75 6.99 -10.17
N LEU B 159 -7.82 7.32 -11.07
CA LEU B 159 -6.46 7.65 -10.65
C LEU B 159 -6.41 8.98 -9.88
N LEU B 160 -7.29 9.93 -10.22
CA LEU B 160 -7.29 11.22 -9.55
C LEU B 160 -7.63 11.08 -8.07
N TYR B 161 -8.36 10.03 -7.71
CA TYR B 161 -8.71 9.82 -6.31
C TYR B 161 -7.58 9.19 -5.51
N LYS B 162 -6.64 8.51 -6.16
CA LYS B 162 -5.54 7.84 -5.45
C LYS B 162 -4.84 8.73 -4.42
N PRO B 163 -4.47 9.98 -4.72
CA PRO B 163 -3.84 10.80 -3.66
C PRO B 163 -4.77 11.12 -2.51
N VAL B 164 -6.06 11.31 -2.77
CA VAL B 164 -7.01 11.56 -1.69
C VAL B 164 -7.11 10.32 -0.80
N ASP B 165 -7.49 9.20 -1.40
CA ASP B 165 -7.68 7.96 -0.65
C ASP B 165 -6.46 7.62 0.19
N ARG B 166 -5.27 7.91 -0.35
CA ARG B 166 -4.03 7.46 0.28
C ARG B 166 -3.68 8.28 1.52
N VAL B 167 -3.65 9.61 1.41
CA VAL B 167 -3.24 10.44 2.53
C VAL B 167 -4.18 10.27 3.71
N THR B 168 -5.42 9.85 3.45
CA THR B 168 -6.33 9.54 4.53
C THR B 168 -5.84 8.34 5.34
N ARG B 169 -5.07 7.46 4.70
CA ARG B 169 -4.54 6.26 5.35
C ARG B 169 -3.15 6.47 5.94
N SER B 170 -2.62 7.70 5.87
CA SER B 170 -1.24 7.95 6.27
C SER B 170 -1.03 7.73 7.76
N THR B 171 -2.02 8.11 8.58
CA THR B 171 -1.84 7.87 9.99
C THR B 171 -1.99 6.40 10.32
N LEU B 172 -2.74 5.66 9.50
CA LEU B 172 -2.89 4.23 9.72
C LEU B 172 -1.58 3.50 9.51
N VAL B 173 -0.89 3.79 8.40
CA VAL B 173 0.39 3.13 8.12
C VAL B 173 1.44 3.54 9.15
N LEU B 174 1.48 4.83 9.53
CA LEU B 174 2.43 5.25 10.55
C LEU B 174 2.18 4.54 11.87
N HIS B 175 0.91 4.43 12.29
CA HIS B 175 0.62 3.64 13.48
C HIS B 175 1.07 2.20 13.32
N ASP B 176 0.86 1.63 12.13
CA ASP B 176 1.25 0.25 11.92
C ASP B 176 2.76 0.07 12.03
N LEU B 177 3.52 1.10 11.66
CA LEU B 177 4.98 1.05 11.79
C LEU B 177 5.41 1.28 13.23
N LEU B 178 4.82 2.27 13.89
CA LEU B 178 5.11 2.55 15.30
C LEU B 178 4.81 1.36 16.19
N LYS B 179 3.79 0.56 15.87
CA LYS B 179 3.47 -0.63 16.64
C LYS B 179 4.65 -1.56 16.83
N HIS B 180 5.63 -1.50 15.93
CA HIS B 180 6.80 -2.37 15.98
C HIS B 180 8.08 -1.58 16.19
N THR B 181 7.95 -0.32 16.63
CA THR B 181 9.14 0.49 16.90
C THR B 181 9.22 0.74 18.39
N PRO B 182 10.25 0.26 19.08
CA PRO B 182 10.31 0.47 20.53
C PRO B 182 10.68 1.92 20.86
N ALA B 183 10.26 2.36 22.04
CA ALA B 183 10.58 3.71 22.50
C ALA B 183 12.07 3.91 22.73
N SER B 184 12.85 2.84 22.88
CA SER B 184 14.29 2.95 23.00
C SER B 184 14.99 3.22 21.69
N HIS B 185 14.26 3.11 20.54
CA HIS B 185 14.92 3.30 19.27
C HIS B 185 14.74 4.75 18.82
N PRO B 186 15.79 5.41 18.30
CA PRO B 186 15.67 6.84 17.97
C PRO B 186 14.69 7.14 16.83
N ASP B 187 14.21 6.12 16.10
CA ASP B 187 13.14 6.40 15.16
C ASP B 187 11.81 6.69 15.85
N HIS B 188 11.63 6.22 17.10
CA HIS B 188 10.33 6.33 17.76
C HIS B 188 9.85 7.77 17.83
N PRO B 189 10.63 8.73 18.37
CA PRO B 189 10.12 10.11 18.43
C PRO B 189 9.88 10.72 17.07
N LEU B 190 10.68 10.35 16.05
CA LEU B 190 10.49 10.92 14.72
C LEU B 190 9.20 10.41 14.10
N LEU B 191 8.93 9.11 14.21
CA LEU B 191 7.71 8.54 13.66
C LEU B 191 6.49 9.04 14.41
N GLN B 192 6.58 9.13 15.75
CA GLN B 192 5.46 9.69 16.52
CA GLN B 192 5.49 9.70 16.54
C GLN B 192 5.18 11.12 16.08
N ASP B 193 6.22 11.91 15.79
CA ASP B 193 6.02 13.30 15.37
C ASP B 193 5.43 13.38 13.98
N ALA B 194 5.90 12.54 13.06
CA ALA B 194 5.29 12.48 11.74
C ALA B 194 3.82 12.12 11.82
N LEU B 195 3.48 11.21 12.73
CA LEU B 195 2.08 10.85 12.91
C LEU B 195 1.27 12.03 13.43
N ARG B 196 1.83 12.76 14.39
CA ARG B 196 1.14 13.94 14.92
C ARG B 196 0.87 14.95 13.82
N ILE B 197 1.90 15.26 13.04
CA ILE B 197 1.76 16.23 11.96
C ILE B 197 0.75 15.75 10.93
N SER B 198 0.73 14.45 10.64
CA SER B 198 -0.23 13.90 9.68
C SER B 198 -1.64 13.93 10.25
N GLN B 199 -1.79 13.63 11.55
CA GLN B 199 -3.10 13.75 12.18
C GLN B 199 -3.61 15.18 12.12
N ASN B 200 -2.74 16.15 12.42
CA ASN B 200 -3.12 17.57 12.33
C ASN B 200 -3.56 17.94 10.92
N PHE B 201 -2.85 17.45 9.91
CA PHE B 201 -3.22 17.76 8.54
C PHE B 201 -4.60 17.19 8.20
N LEU B 202 -4.84 15.93 8.56
CA LEU B 202 -6.14 15.33 8.30
C LEU B 202 -7.24 16.08 9.03
N SER B 203 -6.96 16.54 10.25
CA SER B 203 -7.94 17.32 10.98
C SER B 203 -8.25 18.64 10.29
N SER B 204 -7.21 19.30 9.76
CA SER B 204 -7.44 20.56 9.06
C SER B 204 -8.27 20.37 7.80
N ILE B 205 -8.12 19.23 7.11
CA ILE B 205 -8.92 18.98 5.91
C ILE B 205 -10.36 18.66 6.29
#